data_3PPO
#
_entry.id   3PPO
#
_cell.length_a   61.890
_cell.length_b   91.070
_cell.length_c   115.230
_cell.angle_alpha   90.00
_cell.angle_beta   90.00
_cell.angle_gamma   90.00
#
_symmetry.space_group_name_H-M   'P 2 21 21'
#
loop_
_entity.id
_entity.type
_entity.pdbx_description
1 polymer 'Glycine betaine/carnitine/choline-binding protein'
2 non-polymer (2S)-3-carboxy-2-hydroxy-N,N,N-trimethylpropan-1-aminium
3 water water
#
_entity_poly.entity_id   1
_entity_poly.type   'polypeptide(L)'
_entity_poly.pdbx_seq_one_letter_code
;MGHHHHHHMTKIKWLGAFALVFVMLLGGCSLPGLGGASDDTIKIGAQSMTESEIVANMIAQLIEHDTDLNTALVKNLGSN
YVQHQAMLGGDIDISATRYSGTDLTSTLGKEAEKDPKKALNIVQNEFQKRFSYKWFDSYGFDNTYAFTVTKKFAEKEHIN
TVSDLKKNASQYKLGVDNAWLKRKGDGYKGFVSTYGFEFGTTYPMQIGLVYDAVKNGKMDAVLAYSTDGRIKAYDLKILK
DDKRFFPPYDCSPVIPEKVLKEHPELEGVINKLIGQIDTETMQELNYEVDGKLKEPSVVAKEFLEKHHYFD
;
_entity_poly.pdbx_strand_id   A,B
#
# COMPACT_ATOMS: atom_id res chain seq x y z
N ASP A 40 -2.55 -45.03 -3.22
CA ASP A 40 -3.10 -43.62 -3.19
C ASP A 40 -2.40 -42.76 -2.14
N THR A 41 -1.28 -42.16 -2.56
CA THR A 41 -0.44 -41.31 -1.71
C THR A 41 -0.47 -39.88 -2.27
N ILE A 42 -0.83 -38.92 -1.42
CA ILE A 42 -0.90 -37.52 -1.86
C ILE A 42 0.48 -36.88 -1.76
N LYS A 43 0.91 -36.30 -2.89
CA LYS A 43 2.24 -35.72 -2.98
C LYS A 43 2.20 -34.20 -2.78
N ILE A 44 2.74 -33.73 -1.65
CA ILE A 44 2.69 -32.31 -1.26
C ILE A 44 4.02 -31.60 -1.51
N GLY A 45 3.99 -30.60 -2.38
CA GLY A 45 5.20 -29.89 -2.76
C GLY A 45 5.61 -28.81 -1.79
N ALA A 46 6.89 -28.84 -1.43
CA ALA A 46 7.44 -27.83 -0.56
C ALA A 46 8.54 -27.07 -1.29
N GLN A 47 8.38 -25.75 -1.32
CA GLN A 47 9.38 -24.84 -1.80
C GLN A 47 10.52 -24.75 -0.79
N SER A 48 11.69 -24.36 -1.25
CA SER A 48 12.81 -24.30 -0.34
C SER A 48 12.73 -23.06 0.53
N MET A 49 11.65 -22.95 1.30
CA MET A 49 11.50 -21.93 2.32
C MET A 49 10.99 -22.55 3.61
N THR A 50 11.58 -22.15 4.71
CA THR A 50 11.11 -22.61 6.01
C THR A 50 9.58 -22.65 6.04
N GLU A 51 8.96 -21.58 5.56
CA GLU A 51 7.51 -21.44 5.63
C GLU A 51 6.80 -22.49 4.78
N SER A 52 7.29 -22.70 3.56
CA SER A 52 6.74 -23.74 2.69
C SER A 52 6.84 -25.13 3.34
N GLU A 53 7.98 -25.43 3.98
CA GLU A 53 8.19 -26.72 4.62
C GLU A 53 7.28 -26.93 5.84
N ILE A 54 7.16 -25.93 6.71
CA ILE A 54 6.24 -26.02 7.86
C ILE A 54 4.86 -26.34 7.35
N VAL A 55 4.36 -25.50 6.45
CA VAL A 55 2.97 -25.63 5.96
C VAL A 55 2.72 -26.96 5.24
N ALA A 56 3.73 -27.46 4.51
CA ALA A 56 3.63 -28.74 3.79
C ALA A 56 3.45 -29.90 4.75
N ASN A 57 4.18 -29.87 5.87
CA ASN A 57 4.02 -30.84 6.93
C ASN A 57 2.66 -30.73 7.59
N MET A 58 2.23 -29.50 7.83
CA MET A 58 0.95 -29.21 8.47
C MET A 58 -0.19 -29.76 7.64
N ILE A 59 -0.09 -29.64 6.32
CA ILE A 59 -1.07 -30.25 5.43
C ILE A 59 -0.98 -31.77 5.50
N ALA A 60 0.23 -32.31 5.34
CA ALA A 60 0.49 -33.77 5.39
C ALA A 60 -0.09 -34.46 6.61
N GLN A 61 0.06 -33.81 7.76
CA GLN A 61 -0.30 -34.41 9.04
C GLN A 61 -1.78 -34.35 9.26
N LEU A 62 -2.39 -33.28 8.75
CA LEU A 62 -3.83 -33.07 8.90
C LEU A 62 -4.61 -34.03 8.01
N ILE A 63 -4.09 -34.26 6.80
CA ILE A 63 -4.61 -35.31 5.93
C ILE A 63 -4.62 -36.69 6.61
N GLU A 64 -3.48 -37.14 7.13
CA GLU A 64 -3.38 -38.49 7.69
C GLU A 64 -4.16 -38.65 8.99
N HIS A 65 -4.31 -37.56 9.72
CA HIS A 65 -5.12 -37.54 10.94
C HIS A 65 -6.60 -37.71 10.59
N ASP A 66 -7.07 -36.94 9.60
CA ASP A 66 -8.49 -36.95 9.21
C ASP A 66 -8.88 -38.00 8.20
N THR A 67 -7.89 -38.60 7.53
CA THR A 67 -8.13 -39.52 6.42
C THR A 67 -7.28 -40.79 6.46
N ASP A 68 -7.60 -41.72 5.57
CA ASP A 68 -6.77 -42.89 5.34
C ASP A 68 -5.84 -42.67 4.16
N LEU A 69 -5.87 -41.45 3.63
CA LEU A 69 -4.93 -41.04 2.63
C LEU A 69 -3.58 -40.85 3.34
N ASN A 70 -2.51 -41.37 2.73
CA ASN A 70 -1.18 -41.05 3.25
C ASN A 70 -0.42 -40.13 2.30
N THR A 71 0.67 -39.56 2.82
CA THR A 71 1.28 -38.38 2.20
C THR A 71 2.77 -38.54 1.98
N ALA A 72 3.28 -37.78 1.02
CA ALA A 72 4.71 -37.67 0.78
C ALA A 72 5.02 -36.21 0.48
N LEU A 73 6.12 -35.70 1.03
CA LEU A 73 6.55 -34.33 0.73
C LEU A 73 7.54 -34.32 -0.41
N VAL A 74 7.33 -33.43 -1.37
CA VAL A 74 8.33 -33.20 -2.42
C VAL A 74 9.02 -31.88 -2.07
N LYS A 75 10.20 -31.98 -1.47
CA LYS A 75 10.90 -30.80 -0.97
C LYS A 75 11.76 -30.12 -2.04
N ASN A 76 12.18 -28.89 -1.73
CA ASN A 76 13.27 -28.19 -2.41
C ASN A 76 12.97 -27.77 -3.84
N LEU A 77 11.73 -27.40 -4.10
CA LEU A 77 11.40 -26.76 -5.36
C LEU A 77 11.89 -25.32 -5.25
N GLY A 78 12.65 -24.89 -6.24
CA GLY A 78 13.31 -23.59 -6.17
C GLY A 78 12.44 -22.35 -6.20
N SER A 79 11.24 -22.45 -6.77
CA SER A 79 10.41 -21.28 -7.00
C SER A 79 8.99 -21.69 -7.32
N ASN A 80 8.12 -20.68 -7.47
CA ASN A 80 6.73 -20.88 -7.91
C ASN A 80 6.66 -21.55 -9.27
N TYR A 81 7.57 -21.14 -10.17
CA TYR A 81 7.68 -21.74 -11.49
C TYR A 81 7.92 -23.24 -11.34
N VAL A 82 8.96 -23.60 -10.60
CA VAL A 82 9.24 -25.00 -10.33
C VAL A 82 7.99 -25.70 -9.81
N GLN A 83 7.34 -25.10 -8.81
CA GLN A 83 6.12 -25.66 -8.21
C GLN A 83 5.01 -25.91 -9.23
N HIS A 84 4.73 -24.90 -10.06
CA HIS A 84 3.70 -24.98 -11.06
C HIS A 84 4.07 -26.05 -12.08
N GLN A 85 5.32 -26.03 -12.56
CA GLN A 85 5.78 -27.01 -13.57
C GLN A 85 5.59 -28.41 -13.03
N ALA A 86 5.93 -28.60 -11.76
CA ALA A 86 5.78 -29.89 -11.11
C ALA A 86 4.32 -30.37 -11.06
N MET A 87 3.38 -29.42 -10.89
CA MET A 87 1.94 -29.73 -10.84
C MET A 87 1.42 -30.09 -12.23
N LEU A 88 1.88 -29.38 -13.25
CA LEU A 88 1.48 -29.65 -14.63
C LEU A 88 1.88 -31.07 -15.09
N GLY A 89 2.98 -31.58 -14.56
CA GLY A 89 3.49 -32.88 -14.94
C GLY A 89 3.10 -34.03 -14.03
N GLY A 90 2.23 -33.75 -13.06
CA GLY A 90 1.74 -34.74 -12.13
C GLY A 90 2.70 -35.07 -11.00
N ASP A 91 3.80 -34.33 -10.89
CA ASP A 91 4.82 -34.60 -9.88
C ASP A 91 4.38 -34.23 -8.47
N ILE A 92 3.48 -33.25 -8.37
CA ILE A 92 2.84 -32.93 -7.08
C ILE A 92 1.33 -32.83 -7.24
N ASP A 93 0.62 -33.06 -6.16
CA ASP A 93 -0.84 -33.03 -6.13
C ASP A 93 -1.34 -31.79 -5.39
N ILE A 94 -0.52 -31.27 -4.47
CA ILE A 94 -0.81 -30.05 -3.69
C ILE A 94 0.41 -29.13 -3.59
N SER A 95 0.21 -27.86 -3.94
CA SER A 95 1.14 -26.81 -3.53
C SER A 95 0.73 -26.32 -2.13
N ALA A 96 1.67 -26.37 -1.18
CA ALA A 96 1.42 -25.85 0.17
C ALA A 96 1.35 -24.33 0.16
N THR A 97 2.37 -23.71 -0.45
CA THR A 97 2.50 -22.26 -0.40
C THR A 97 2.67 -21.66 -1.80
N ARG A 98 1.59 -20.99 -2.23
CA ARG A 98 1.62 -20.13 -3.41
C ARG A 98 1.19 -18.71 -3.03
N TYR A 99 1.79 -17.70 -3.67
CA TYR A 99 1.53 -16.29 -3.31
C TYR A 99 0.94 -15.51 -4.47
N SER A 100 -0.10 -14.72 -4.20
CA SER A 100 -0.93 -14.21 -5.30
C SER A 100 -0.17 -13.34 -6.27
N GLY A 101 0.64 -12.40 -5.76
CA GLY A 101 1.44 -11.51 -6.61
C GLY A 101 2.48 -12.24 -7.45
N THR A 102 3.07 -13.30 -6.91
CA THR A 102 4.13 -14.03 -7.59
C THR A 102 3.63 -14.73 -8.83
N ASP A 103 2.54 -15.49 -8.68
CA ASP A 103 2.00 -16.24 -9.79
C ASP A 103 1.25 -15.37 -10.79
N LEU A 104 0.74 -14.24 -10.31
CA LEU A 104 0.02 -13.32 -11.19
C LEU A 104 0.97 -12.71 -12.22
N THR A 105 2.19 -12.45 -11.81
CA THR A 105 3.12 -11.79 -12.68
C THR A 105 3.95 -12.73 -13.48
N SER A 106 4.04 -13.98 -13.09
CA SER A 106 4.99 -14.82 -13.76
C SER A 106 4.32 -15.96 -14.49
N THR A 107 3.56 -16.75 -13.76
CA THR A 107 2.83 -17.86 -14.32
C THR A 107 1.68 -17.45 -15.21
N LEU A 108 0.97 -16.38 -14.87
CA LEU A 108 -0.18 -15.89 -15.67
C LEU A 108 0.20 -14.76 -16.65
N GLY A 109 1.38 -14.19 -16.47
CA GLY A 109 1.91 -13.16 -17.35
C GLY A 109 1.11 -11.89 -17.30
N LYS A 110 0.50 -11.61 -16.17
CA LYS A 110 -0.34 -10.42 -16.01
C LYS A 110 0.42 -9.25 -15.38
N GLU A 111 -0.17 -8.06 -15.47
CA GLU A 111 0.35 -6.88 -14.75
C GLU A 111 0.32 -7.11 -13.24
N ALA A 112 1.19 -6.45 -12.50
CA ALA A 112 1.11 -6.51 -11.03
C ALA A 112 -0.11 -5.71 -10.56
N GLU A 113 -1.18 -6.43 -10.25
CA GLU A 113 -2.35 -5.84 -9.64
C GLU A 113 -1.99 -5.48 -8.18
N LYS A 114 -2.27 -4.22 -7.81
CA LYS A 114 -1.84 -3.70 -6.52
C LYS A 114 -2.82 -3.91 -5.37
N ASP A 115 -4.07 -4.25 -5.70
CA ASP A 115 -5.12 -4.55 -4.68
C ASP A 115 -5.21 -6.02 -4.23
N PRO A 116 -5.07 -6.29 -2.91
CA PRO A 116 -5.16 -7.66 -2.42
C PRO A 116 -6.35 -8.46 -3.03
N LYS A 117 -7.55 -7.94 -2.80
CA LYS A 117 -8.79 -8.60 -3.16
C LYS A 117 -8.85 -8.88 -4.66
N LYS A 118 -8.62 -7.84 -5.48
CA LYS A 118 -8.62 -7.96 -6.94
C LYS A 118 -7.55 -8.93 -7.49
N ALA A 119 -6.36 -8.89 -6.90
CA ALA A 119 -5.26 -9.78 -7.25
C ALA A 119 -5.64 -11.24 -7.02
N LEU A 120 -6.27 -11.52 -5.88
CA LEU A 120 -6.67 -12.88 -5.53
C LEU A 120 -7.71 -13.40 -6.52
N ASN A 121 -8.69 -12.57 -6.85
CA ASN A 121 -9.77 -12.96 -7.75
C ASN A 121 -9.29 -13.30 -9.16
N ILE A 122 -8.39 -12.49 -9.69
CA ILE A 122 -7.84 -12.71 -11.00
C ILE A 122 -7.04 -14.00 -11.04
N VAL A 123 -6.29 -14.26 -9.97
CA VAL A 123 -5.52 -15.49 -9.77
C VAL A 123 -6.41 -16.73 -9.60
N GLN A 124 -7.47 -16.59 -8.80
CA GLN A 124 -8.42 -17.67 -8.67
C GLN A 124 -9.15 -17.95 -9.99
N ASN A 125 -9.66 -16.92 -10.65
CA ASN A 125 -10.39 -17.15 -11.87
C ASN A 125 -9.52 -17.66 -13.00
N GLU A 126 -8.27 -17.21 -13.04
CA GLU A 126 -7.30 -17.65 -14.05
C GLU A 126 -6.86 -19.10 -13.89
N PHE A 127 -6.66 -19.56 -12.67
CA PHE A 127 -6.27 -20.93 -12.44
C PHE A 127 -7.38 -21.91 -12.72
N GLN A 128 -8.57 -21.52 -12.31
CA GLN A 128 -9.76 -22.30 -12.59
C GLN A 128 -9.99 -22.38 -14.10
N LYS A 129 -9.99 -21.21 -14.75
CA LYS A 129 -10.25 -21.07 -16.19
C LYS A 129 -9.17 -21.73 -17.05
N ARG A 130 -7.90 -21.65 -16.62
CA ARG A 130 -6.73 -22.03 -17.45
C ARG A 130 -6.28 -23.47 -17.28
N PHE A 131 -6.23 -23.94 -16.03
CA PHE A 131 -5.70 -25.28 -15.74
C PHE A 131 -6.70 -26.18 -15.01
N SER A 132 -7.87 -25.63 -14.68
CA SER A 132 -8.80 -26.28 -13.75
C SER A 132 -8.13 -26.55 -12.40
N TYR A 133 -7.22 -25.66 -12.01
CA TYR A 133 -6.64 -25.74 -10.68
C TYR A 133 -7.41 -24.83 -9.74
N LYS A 134 -7.55 -25.26 -8.49
CA LYS A 134 -8.24 -24.43 -7.49
C LYS A 134 -7.21 -23.70 -6.63
N TRP A 135 -7.14 -22.39 -6.82
CA TRP A 135 -6.37 -21.52 -5.94
C TRP A 135 -7.31 -21.21 -4.77
N PHE A 136 -7.00 -21.79 -3.62
CA PHE A 136 -7.84 -21.63 -2.43
C PHE A 136 -7.74 -20.21 -1.89
N ASP A 137 -8.68 -19.84 -1.03
CA ASP A 137 -8.57 -18.61 -0.24
C ASP A 137 -7.36 -18.73 0.69
N SER A 138 -6.74 -17.60 1.01
CA SER A 138 -5.52 -17.60 1.83
C SER A 138 -5.66 -18.19 3.21
N TYR A 139 -4.50 -18.58 3.76
CA TYR A 139 -4.39 -19.04 5.14
C TYR A 139 -4.67 -17.88 6.09
N GLY A 140 -4.59 -16.67 5.56
CA GLY A 140 -4.81 -15.47 6.37
C GLY A 140 -3.58 -14.59 6.48
N PHE A 141 -2.57 -14.85 5.65
CA PHE A 141 -1.33 -14.11 5.72
C PHE A 141 -0.73 -13.78 4.36
N ASP A 142 -0.08 -12.63 4.33
CA ASP A 142 0.62 -12.07 3.18
C ASP A 142 2.11 -12.24 3.52
N ASN A 143 2.87 -12.77 2.56
CA ASN A 143 4.31 -12.81 2.68
C ASN A 143 4.99 -12.00 1.56
N THR A 144 5.16 -10.69 1.81
CA THR A 144 5.64 -9.76 0.78
C THR A 144 7.13 -9.47 0.88
N TYR A 145 7.71 -9.08 -0.25
CA TYR A 145 9.06 -8.53 -0.27
C TYR A 145 9.04 -7.24 0.53
N ALA A 146 10.02 -7.10 1.43
CA ALA A 146 10.12 -5.90 2.22
C ALA A 146 11.58 -5.47 2.23
N PHE A 147 11.83 -4.19 1.95
CA PHE A 147 13.15 -3.61 2.15
C PHE A 147 13.41 -3.44 3.63
N THR A 148 14.44 -4.16 4.09
CA THR A 148 14.80 -4.28 5.50
C THR A 148 16.18 -3.70 5.76
N VAL A 149 16.25 -2.85 6.78
CA VAL A 149 17.50 -2.28 7.27
C VAL A 149 17.64 -2.45 8.79
N THR A 150 18.87 -2.32 9.29
CA THR A 150 19.05 -2.19 10.74
C THR A 150 18.53 -0.83 11.20
N LYS A 151 18.18 -0.73 12.47
CA LYS A 151 17.72 0.55 13.03
C LYS A 151 18.85 1.58 13.14
N LYS A 152 20.06 1.12 13.42
CA LYS A 152 21.24 2.00 13.45
C LYS A 152 21.39 2.69 12.10
N PHE A 153 21.24 1.91 11.03
CA PHE A 153 21.40 2.41 9.66
C PHE A 153 20.32 3.44 9.29
N ALA A 154 19.08 3.16 9.68
CA ALA A 154 18.00 4.11 9.42
C ALA A 154 18.13 5.39 10.28
N GLU A 155 18.54 5.29 11.55
CA GLU A 155 18.85 6.50 12.34
C GLU A 155 19.98 7.30 11.67
N LYS A 156 21.08 6.61 11.39
CA LYS A 156 22.29 7.20 10.81
C LYS A 156 22.09 7.78 9.38
N GLU A 157 21.12 7.27 8.64
CA GLU A 157 20.91 7.70 7.26
C GLU A 157 19.55 8.38 7.05
N HIS A 158 18.84 8.62 8.16
CA HIS A 158 17.52 9.25 8.15
C HIS A 158 16.55 8.54 7.19
N ILE A 159 16.30 7.26 7.44
CA ILE A 159 15.50 6.43 6.54
C ILE A 159 14.15 5.93 7.02
N ASN A 160 13.10 6.15 6.27
CA ASN A 160 11.81 5.64 6.62
C ASN A 160 11.18 4.85 5.54
N THR A 161 11.50 5.23 4.33
CA THR A 161 10.83 4.73 3.19
C THR A 161 11.76 4.30 2.14
N VAL A 162 11.24 3.52 1.24
CA VAL A 162 12.10 3.00 0.19
C VAL A 162 12.67 4.15 -0.66
N SER A 163 11.89 5.20 -0.85
CA SER A 163 12.41 6.39 -1.54
C SER A 163 13.57 7.08 -0.82
N ASP A 164 13.63 6.98 0.52
CA ASP A 164 14.70 7.63 1.27
C ASP A 164 16.07 7.04 0.93
N LEU A 165 16.05 5.85 0.34
CA LEU A 165 17.27 5.15 -0.11
C LEU A 165 17.94 5.81 -1.33
N LYS A 166 17.11 6.45 -2.16
CA LYS A 166 17.54 7.05 -3.41
C LYS A 166 18.73 7.98 -3.25
N LYS A 167 18.74 8.76 -2.17
CA LYS A 167 19.74 9.80 -1.93
C LYS A 167 21.17 9.32 -2.01
N ASN A 168 21.46 8.16 -1.41
CA ASN A 168 22.81 7.61 -1.43
C ASN A 168 22.78 6.16 -1.88
N ALA A 169 21.84 5.84 -2.77
CA ALA A 169 21.60 4.46 -3.18
C ALA A 169 22.83 3.79 -3.77
N SER A 170 23.63 4.56 -4.52
CA SER A 170 24.78 3.98 -5.22
C SER A 170 25.94 3.67 -4.25
N GLN A 171 25.76 4.11 -3.01
CA GLN A 171 26.69 3.84 -1.92
C GLN A 171 26.37 2.52 -1.22
N TYR A 172 25.22 1.93 -1.56
CA TYR A 172 24.68 0.82 -0.79
C TYR A 172 24.89 -0.54 -1.43
N LYS A 173 25.02 -1.53 -0.56
CA LYS A 173 25.01 -2.95 -0.93
C LYS A 173 23.64 -3.54 -0.59
N LEU A 174 22.91 -4.05 -1.59
CA LEU A 174 21.61 -4.70 -1.35
C LEU A 174 21.71 -6.22 -1.38
N GLY A 175 21.16 -6.88 -0.36
CA GLY A 175 21.04 -8.34 -0.34
C GLY A 175 19.68 -8.79 -0.87
N VAL A 176 19.67 -9.61 -1.93
CA VAL A 176 18.42 -10.14 -2.49
C VAL A 176 18.49 -11.65 -2.72
N ASP A 177 17.33 -12.28 -2.95
CA ASP A 177 17.30 -13.72 -3.21
C ASP A 177 17.78 -14.09 -4.63
N ASN A 178 18.01 -15.37 -4.83
CA ASN A 178 18.57 -15.87 -6.09
C ASN A 178 17.74 -15.66 -7.38
N ALA A 179 16.49 -15.18 -7.26
CA ALA A 179 15.61 -15.02 -8.44
C ALA A 179 15.06 -13.60 -8.70
N TRP A 180 14.90 -12.81 -7.64
CA TRP A 180 14.27 -11.47 -7.75
C TRP A 180 14.83 -10.52 -8.82
N LEU A 181 16.15 -10.53 -9.00
CA LEU A 181 16.79 -9.70 -10.05
C LEU A 181 16.35 -10.03 -11.47
N LYS A 182 15.91 -11.27 -11.70
CA LYS A 182 15.53 -11.74 -13.05
C LYS A 182 14.02 -11.72 -13.30
N ARG A 183 13.26 -11.33 -12.29
CA ARG A 183 11.81 -11.34 -12.34
C ARG A 183 11.17 -10.19 -13.12
N LYS A 184 10.21 -10.55 -13.98
CA LYS A 184 9.41 -9.59 -14.73
C LYS A 184 8.23 -9.14 -13.87
N GLY A 185 7.85 -7.87 -14.00
CA GLY A 185 6.69 -7.34 -13.27
C GLY A 185 6.97 -6.88 -11.84
N ASP A 186 7.38 -7.82 -10.98
CA ASP A 186 7.67 -7.52 -9.58
C ASP A 186 9.16 -7.59 -9.21
N GLY A 187 10.01 -7.63 -10.23
CA GLY A 187 11.46 -7.81 -10.03
C GLY A 187 12.23 -6.49 -10.04
N TYR A 188 13.55 -6.59 -10.12
CA TYR A 188 14.43 -5.40 -10.15
C TYR A 188 14.10 -4.41 -11.25
N LYS A 189 14.06 -4.87 -12.49
CA LYS A 189 13.73 -3.97 -13.62
C LYS A 189 12.52 -3.06 -13.30
N GLY A 190 11.45 -3.66 -12.77
CA GLY A 190 10.23 -2.95 -12.35
C GLY A 190 10.50 -1.93 -11.28
N PHE A 191 11.24 -2.35 -10.25
CA PHE A 191 11.65 -1.47 -9.15
C PHE A 191 12.40 -0.22 -9.65
N VAL A 192 13.37 -0.43 -10.55
CA VAL A 192 14.18 0.64 -11.12
C VAL A 192 13.32 1.66 -11.92
N SER A 193 12.36 1.17 -12.69
CA SER A 193 11.51 2.08 -13.46
C SER A 193 10.43 2.73 -12.57
N THR A 194 10.18 2.13 -11.40
CA THR A 194 9.20 2.68 -10.45
C THR A 194 9.77 3.69 -9.46
N TYR A 195 10.79 3.29 -8.72
CA TYR A 195 11.41 4.16 -7.72
C TYR A 195 12.45 5.13 -8.33
N GLY A 196 12.84 4.85 -9.57
CA GLY A 196 13.71 5.72 -10.36
C GLY A 196 15.15 5.74 -9.91
N PHE A 197 15.59 4.67 -9.25
CA PHE A 197 16.99 4.53 -8.85
C PHE A 197 17.43 3.07 -8.76
N GLU A 198 18.75 2.86 -8.78
CA GLU A 198 19.32 1.54 -8.55
C GLU A 198 20.40 1.57 -7.44
N PHE A 199 20.73 0.40 -6.91
CA PHE A 199 21.63 0.27 -5.77
C PHE A 199 23.08 0.18 -6.22
N GLY A 200 24.00 0.57 -5.34
CA GLY A 200 25.43 0.50 -5.64
C GLY A 200 25.79 -0.86 -6.21
N THR A 201 25.67 -1.87 -5.37
CA THR A 201 25.81 -3.26 -5.79
C THR A 201 24.63 -4.10 -5.26
N THR A 202 24.25 -5.10 -6.03
CA THR A 202 23.25 -6.05 -5.54
C THR A 202 23.92 -7.41 -5.42
N TYR A 203 23.63 -8.11 -4.33
CA TYR A 203 24.16 -9.45 -4.15
C TYR A 203 22.99 -10.42 -4.06
N PRO A 204 22.94 -11.39 -4.99
CA PRO A 204 21.97 -12.48 -4.84
C PRO A 204 22.51 -13.59 -3.93
N MET A 205 21.70 -13.98 -2.96
CA MET A 205 22.02 -15.11 -2.10
C MET A 205 20.74 -15.91 -1.82
N GLN A 206 20.87 -17.00 -1.06
CA GLN A 206 19.72 -17.73 -0.53
C GLN A 206 18.94 -16.82 0.42
N ILE A 207 17.61 -16.82 0.31
CA ILE A 207 16.79 -15.94 1.15
C ILE A 207 17.06 -16.12 2.66
N GLY A 208 17.29 -17.35 3.08
CA GLY A 208 17.59 -17.66 4.48
C GLY A 208 18.70 -16.80 5.09
N LEU A 209 19.67 -16.39 4.29
CA LEU A 209 20.92 -15.78 4.80
C LEU A 209 20.94 -14.25 4.91
N VAL A 210 19.92 -13.59 4.36
CA VAL A 210 19.86 -12.12 4.36
C VAL A 210 19.57 -11.51 5.73
N TYR A 211 19.10 -12.34 6.66
CA TYR A 211 18.69 -11.89 7.99
C TYR A 211 19.93 -11.66 8.87
N ASP A 212 20.97 -12.44 8.65
CA ASP A 212 22.22 -12.24 9.36
C ASP A 212 23.12 -11.23 8.66
N ALA A 213 23.19 -11.29 7.34
CA ALA A 213 24.01 -10.37 6.52
C ALA A 213 23.70 -8.88 6.72
N VAL A 214 22.42 -8.55 6.78
CA VAL A 214 21.95 -7.23 7.18
C VAL A 214 22.26 -6.90 8.66
N LYS A 215 22.12 -7.90 9.53
CA LYS A 215 22.36 -7.70 10.96
C LYS A 215 23.81 -7.46 11.27
N ASN A 216 24.67 -8.17 10.58
CA ASN A 216 26.09 -8.16 10.86
C ASN A 216 26.85 -7.08 10.11
N GLY A 217 26.12 -6.27 9.35
CA GLY A 217 26.68 -5.15 8.62
C GLY A 217 27.18 -5.50 7.24
N LYS A 218 27.13 -6.76 6.89
CA LYS A 218 27.61 -7.18 5.57
C LYS A 218 26.79 -6.58 4.40
N MET A 219 25.57 -6.13 4.72
CA MET A 219 24.70 -5.44 3.76
C MET A 219 24.06 -4.23 4.44
N ASP A 220 23.75 -3.22 3.64
CA ASP A 220 23.22 -2.00 4.21
C ASP A 220 21.71 -2.14 4.25
N ALA A 221 21.20 -2.89 3.27
CA ALA A 221 19.80 -3.29 3.21
C ALA A 221 19.62 -4.66 2.53
N VAL A 222 18.56 -5.36 2.89
CA VAL A 222 18.16 -6.59 2.19
C VAL A 222 16.68 -6.57 1.79
N LEU A 223 16.35 -7.32 0.74
CA LEU A 223 14.96 -7.54 0.40
C LEU A 223 14.49 -8.82 1.12
N ALA A 224 14.06 -8.64 2.37
CA ALA A 224 13.61 -9.75 3.21
C ALA A 224 12.22 -10.29 2.78
N TYR A 225 11.77 -11.36 3.43
CA TYR A 225 10.37 -11.78 3.33
C TYR A 225 9.72 -11.39 4.64
N SER A 226 8.56 -10.75 4.55
CA SER A 226 7.87 -10.14 5.69
C SER A 226 7.45 -11.11 6.81
N THR A 227 7.26 -12.40 6.49
CA THR A 227 6.81 -13.40 7.48
C THR A 227 7.96 -14.10 8.22
N ASP A 228 9.19 -13.77 7.84
CA ASP A 228 10.38 -14.33 8.49
C ASP A 228 10.48 -13.76 9.88
N GLY A 229 10.47 -14.62 10.89
CA GLY A 229 10.41 -14.20 12.28
C GLY A 229 11.64 -13.48 12.77
N ARG A 230 12.74 -13.65 12.06
CA ARG A 230 14.02 -13.00 12.41
C ARG A 230 14.04 -11.47 12.30
N ILE A 231 13.12 -10.89 11.54
CA ILE A 231 12.95 -9.45 11.44
C ILE A 231 12.60 -8.80 12.79
N LYS A 232 11.60 -9.35 13.49
CA LYS A 232 11.24 -8.87 14.82
C LYS A 232 12.29 -9.35 15.84
N ALA A 233 12.89 -10.50 15.57
CA ALA A 233 13.86 -11.08 16.48
C ALA A 233 15.22 -10.38 16.43
N TYR A 234 15.45 -9.62 15.37
CA TYR A 234 16.69 -8.86 15.25
C TYR A 234 16.43 -7.36 15.39
N ASP A 235 15.21 -7.02 15.80
CA ASP A 235 14.76 -5.63 15.89
C ASP A 235 15.08 -4.84 14.62
N LEU A 236 14.81 -5.46 13.47
CA LEU A 236 15.09 -4.84 12.17
C LEU A 236 13.94 -3.95 11.76
N LYS A 237 14.19 -3.05 10.82
CA LYS A 237 13.19 -2.11 10.38
C LYS A 237 12.74 -2.45 8.96
N ILE A 238 11.41 -2.61 8.80
CA ILE A 238 10.81 -2.74 7.49
C ILE A 238 10.58 -1.33 6.96
N LEU A 239 11.08 -1.05 5.76
CA LEU A 239 10.80 0.21 5.11
C LEU A 239 9.44 0.24 4.41
N LYS A 240 8.86 1.41 4.26
CA LYS A 240 7.58 1.52 3.62
C LYS A 240 7.70 1.56 2.10
N ASP A 241 6.90 0.77 1.42
CA ASP A 241 6.81 0.72 -0.02
C ASP A 241 5.90 1.86 -0.37
N ASP A 242 6.47 3.03 -0.42
CA ASP A 242 5.73 4.25 -0.47
C ASP A 242 5.10 4.45 -1.83
N LYS A 243 5.70 3.85 -2.84
CA LYS A 243 5.20 3.91 -4.19
C LYS A 243 4.31 2.71 -4.57
N ARG A 244 4.04 1.82 -3.62
CA ARG A 244 3.29 0.59 -3.83
C ARG A 244 3.75 -0.17 -5.07
N PHE A 245 5.04 -0.37 -5.21
CA PHE A 245 5.55 -1.08 -6.37
C PHE A 245 5.15 -2.56 -6.34
N PHE A 246 5.30 -3.18 -5.16
CA PHE A 246 5.06 -4.61 -5.04
C PHE A 246 3.58 -4.93 -5.03
N PRO A 247 3.17 -5.96 -5.79
CA PRO A 247 1.81 -6.48 -5.68
C PRO A 247 1.66 -7.16 -4.34
N PRO A 248 0.41 -7.43 -3.92
CA PRO A 248 0.19 -8.22 -2.71
C PRO A 248 0.61 -9.67 -2.91
N TYR A 249 0.89 -10.32 -1.82
CA TYR A 249 1.43 -11.64 -1.79
C TYR A 249 0.75 -12.50 -0.78
N ASP A 250 -0.57 -12.63 -0.90
CA ASP A 250 -1.39 -13.46 -0.03
C ASP A 250 -1.08 -14.92 -0.30
N CYS A 251 -0.93 -15.70 0.78
CA CYS A 251 -0.47 -17.08 0.65
C CYS A 251 -1.61 -18.10 0.70
N SER A 252 -1.61 -19.01 -0.27
CA SER A 252 -2.68 -19.98 -0.42
C SER A 252 -2.15 -21.36 -0.84
N PRO A 253 -2.93 -22.43 -0.58
CA PRO A 253 -2.69 -23.72 -1.21
C PRO A 253 -3.35 -23.80 -2.60
N VAL A 254 -2.82 -24.68 -3.45
CA VAL A 254 -3.32 -24.90 -4.81
C VAL A 254 -3.36 -26.40 -5.14
N ILE A 255 -4.51 -26.86 -5.60
CA ILE A 255 -4.74 -28.27 -5.89
C ILE A 255 -5.59 -28.34 -7.17
N PRO A 256 -5.26 -29.28 -8.07
CA PRO A 256 -6.11 -29.52 -9.21
C PRO A 256 -7.47 -30.03 -8.76
N GLU A 257 -8.52 -29.63 -9.45
CA GLU A 257 -9.86 -30.13 -9.22
C GLU A 257 -9.87 -31.64 -9.48
N LYS A 258 -9.01 -32.04 -10.40
CA LYS A 258 -8.81 -33.42 -10.80
C LYS A 258 -8.51 -34.29 -9.58
N VAL A 259 -7.73 -33.74 -8.67
CA VAL A 259 -7.41 -34.33 -7.36
C VAL A 259 -8.53 -34.25 -6.33
N LEU A 260 -9.18 -33.11 -6.25
CA LEU A 260 -10.31 -32.91 -5.37
C LEU A 260 -11.55 -33.78 -5.75
N LYS A 261 -11.71 -34.04 -7.05
CA LYS A 261 -12.73 -34.96 -7.52
C LYS A 261 -12.42 -36.36 -6.99
N GLU A 262 -11.17 -36.81 -7.16
CA GLU A 262 -10.78 -38.14 -6.75
C GLU A 262 -10.88 -38.29 -5.27
N HIS A 263 -10.44 -37.31 -4.52
CA HIS A 263 -10.43 -37.48 -3.10
C HIS A 263 -11.32 -36.42 -2.54
N PRO A 264 -12.61 -36.77 -2.36
CA PRO A 264 -13.66 -35.78 -2.05
C PRO A 264 -13.64 -35.30 -0.61
N GLU A 265 -12.94 -36.06 0.22
CA GLU A 265 -12.70 -35.79 1.62
C GLU A 265 -11.48 -34.85 1.83
N LEU A 266 -10.80 -34.51 0.76
CA LEU A 266 -9.56 -33.72 0.88
C LEU A 266 -9.81 -32.22 1.06
N GLU A 267 -10.80 -31.69 0.38
CA GLU A 267 -11.09 -30.26 0.42
C GLU A 267 -11.56 -29.80 1.79
N GLY A 268 -12.20 -30.70 2.53
CA GLY A 268 -12.68 -30.40 3.88
C GLY A 268 -11.51 -30.23 4.81
N VAL A 269 -10.42 -30.94 4.52
CA VAL A 269 -9.22 -30.93 5.36
C VAL A 269 -8.48 -29.60 5.17
N ILE A 270 -8.15 -29.25 3.92
CA ILE A 270 -7.55 -27.96 3.57
C ILE A 270 -8.36 -26.81 4.12
N ASN A 271 -9.68 -26.89 4.03
CA ASN A 271 -10.56 -25.83 4.53
C ASN A 271 -10.37 -25.53 6.01
N LYS A 272 -9.98 -26.53 6.80
CA LYS A 272 -9.66 -26.31 8.22
C LYS A 272 -8.62 -25.19 8.43
N LEU A 273 -7.73 -25.04 7.46
CA LEU A 273 -6.58 -24.15 7.59
C LEU A 273 -6.81 -22.78 6.95
N ILE A 274 -7.96 -22.63 6.28
CA ILE A 274 -8.25 -21.40 5.54
C ILE A 274 -8.67 -20.27 6.49
N GLY A 275 -7.88 -19.20 6.51
CA GLY A 275 -8.12 -18.04 7.35
C GLY A 275 -7.66 -18.26 8.77
N GLN A 276 -6.84 -19.29 8.99
CA GLN A 276 -6.45 -19.73 10.35
C GLN A 276 -5.06 -19.28 10.82
N ILE A 277 -4.21 -18.92 9.87
CA ILE A 277 -2.84 -18.44 10.18
C ILE A 277 -2.63 -17.00 9.72
N ASP A 278 -2.56 -16.07 10.67
CA ASP A 278 -2.23 -14.68 10.34
C ASP A 278 -0.71 -14.46 10.20
N THR A 279 -0.30 -13.31 9.70
CA THR A 279 1.13 -13.03 9.52
C THR A 279 1.90 -13.23 10.83
N GLU A 280 1.28 -12.82 11.94
CA GLU A 280 1.94 -12.85 13.26
C GLU A 280 2.11 -14.29 13.76
N THR A 281 1.15 -15.15 13.49
CA THR A 281 1.30 -16.60 13.75
C THR A 281 2.40 -17.21 12.86
N MET A 282 2.35 -16.93 11.57
CA MET A 282 3.34 -17.44 10.61
C MET A 282 4.77 -17.02 10.96
N GLN A 283 4.93 -15.81 11.51
CA GLN A 283 6.22 -15.29 11.97
C GLN A 283 6.82 -16.09 13.12
N GLU A 284 5.97 -16.52 14.06
CA GLU A 284 6.41 -17.33 15.20
C GLU A 284 6.80 -18.73 14.76
N LEU A 285 5.93 -19.32 13.92
CA LEU A 285 6.14 -20.65 13.36
C LEU A 285 7.44 -20.72 12.58
N ASN A 286 7.62 -19.78 11.66
CA ASN A 286 8.88 -19.63 10.94
C ASN A 286 10.10 -19.55 11.86
N TYR A 287 9.99 -18.75 12.93
CA TYR A 287 11.08 -18.57 13.88
C TYR A 287 11.41 -19.84 14.66
N GLU A 288 10.38 -20.65 14.94
CA GLU A 288 10.58 -21.95 15.63
C GLU A 288 11.58 -22.84 14.88
N VAL A 289 11.57 -22.74 13.57
CA VAL A 289 12.53 -23.45 12.73
C VAL A 289 13.83 -22.65 12.61
N ASP A 290 13.68 -21.35 12.36
CA ASP A 290 14.81 -20.51 11.98
C ASP A 290 15.66 -20.09 13.17
N GLY A 291 15.00 -19.61 14.22
CA GLY A 291 15.71 -19.17 15.43
C GLY A 291 16.09 -20.33 16.33
N LYS A 292 15.10 -21.17 16.69
CA LYS A 292 15.29 -22.28 17.64
C LYS A 292 15.69 -23.63 17.01
N LEU A 293 15.73 -23.69 15.69
CA LEU A 293 16.32 -24.81 14.92
C LEU A 293 15.56 -26.15 14.99
N LYS A 294 14.23 -26.05 15.13
CA LYS A 294 13.35 -27.22 15.17
C LYS A 294 12.98 -27.70 13.77
N GLU A 295 12.75 -29.00 13.64
CA GLU A 295 12.25 -29.58 12.40
C GLU A 295 10.87 -28.96 12.04
N PRO A 296 10.65 -28.62 10.75
CA PRO A 296 9.33 -28.16 10.30
C PRO A 296 8.19 -29.08 10.77
N SER A 297 8.41 -30.39 10.77
CA SER A 297 7.39 -31.37 11.20
C SER A 297 7.02 -31.25 12.68
N VAL A 298 8.02 -31.00 13.53
CA VAL A 298 7.79 -30.78 14.96
C VAL A 298 6.96 -29.49 15.17
N VAL A 299 7.33 -28.42 14.48
CA VAL A 299 6.61 -27.14 14.57
C VAL A 299 5.14 -27.27 14.14
N ALA A 300 4.92 -27.91 13.00
CA ALA A 300 3.59 -28.14 12.46
C ALA A 300 2.73 -29.01 13.40
N LYS A 301 3.34 -30.05 13.99
CA LYS A 301 2.66 -30.93 14.93
C LYS A 301 2.28 -30.18 16.21
N GLU A 302 3.19 -29.34 16.69
CA GLU A 302 2.92 -28.56 17.89
C GLU A 302 1.82 -27.53 17.65
N PHE A 303 1.81 -26.94 16.43
CA PHE A 303 0.77 -26.00 16.06
C PHE A 303 -0.56 -26.73 16.00
N LEU A 304 -0.58 -27.84 15.25
CA LEU A 304 -1.78 -28.67 15.11
C LEU A 304 -2.32 -29.25 16.43
N GLU A 305 -1.41 -29.63 17.34
CA GLU A 305 -1.79 -30.06 18.67
C GLU A 305 -2.46 -28.95 19.48
N LYS A 306 -1.93 -27.72 19.34
CA LYS A 306 -2.40 -26.59 20.14
C LYS A 306 -3.83 -26.23 19.79
N HIS A 307 -4.19 -26.40 18.51
CA HIS A 307 -5.54 -26.06 18.03
C HIS A 307 -6.47 -27.28 17.86
N HIS A 308 -6.06 -28.41 18.46
CA HIS A 308 -6.78 -29.70 18.42
C HIS A 308 -7.04 -30.20 17.00
N TYR A 309 -6.11 -29.97 16.12
CA TYR A 309 -6.21 -30.36 14.76
C TYR A 309 -7.44 -29.79 14.13
N PHE A 310 -7.95 -28.72 14.71
CA PHE A 310 -9.23 -28.05 14.35
C PHE A 310 -10.41 -29.01 14.23
N ASP A 311 -10.50 -29.96 15.16
CA ASP A 311 -11.47 -31.07 15.16
C ASP A 311 -11.06 -32.27 14.29
N ASP B 40 -9.27 37.42 -19.71
CA ASP B 40 -9.14 38.57 -18.76
C ASP B 40 -8.56 38.16 -17.37
N THR B 41 -9.47 37.81 -16.45
CA THR B 41 -9.13 37.37 -15.10
C THR B 41 -9.23 35.85 -15.01
N ILE B 42 -8.16 35.22 -14.54
CA ILE B 42 -8.15 33.78 -14.35
C ILE B 42 -8.65 33.41 -12.94
N LYS B 43 -9.79 32.70 -12.88
CA LYS B 43 -10.43 32.41 -11.60
C LYS B 43 -9.96 31.07 -11.08
N ILE B 44 -9.22 31.13 -9.97
CA ILE B 44 -8.63 29.94 -9.34
C ILE B 44 -9.52 29.55 -8.17
N GLY B 45 -9.99 28.29 -8.20
CA GLY B 45 -10.80 27.76 -7.13
C GLY B 45 -9.94 27.23 -6.00
N ALA B 46 -10.30 27.62 -4.78
CA ALA B 46 -9.70 27.04 -3.61
C ALA B 46 -10.74 26.26 -2.84
N GLN B 47 -10.46 24.98 -2.65
CA GLN B 47 -11.27 24.11 -1.83
C GLN B 47 -11.09 24.61 -0.42
N SER B 48 -12.03 24.34 0.44
CA SER B 48 -11.93 24.85 1.78
C SER B 48 -10.96 24.05 2.63
N MET B 49 -9.70 24.06 2.23
CA MET B 49 -8.68 23.43 3.05
C MET B 49 -7.51 24.37 3.05
N THR B 50 -6.73 24.34 4.12
CA THR B 50 -5.55 25.14 4.19
C THR B 50 -4.67 24.83 2.98
N GLU B 51 -4.45 23.55 2.76
CA GLU B 51 -3.64 23.05 1.68
C GLU B 51 -4.03 23.67 0.34
N SER B 52 -5.35 23.78 0.13
CA SER B 52 -5.92 24.24 -1.13
C SER B 52 -5.80 25.76 -1.32
N GLU B 53 -5.95 26.51 -0.23
CA GLU B 53 -5.81 27.97 -0.30
C GLU B 53 -4.35 28.37 -0.52
N ILE B 54 -3.43 27.66 0.09
CA ILE B 54 -2.02 27.93 -0.11
C ILE B 54 -1.59 27.78 -1.58
N VAL B 55 -1.86 26.61 -2.15
CA VAL B 55 -1.49 26.33 -3.54
C VAL B 55 -2.26 27.27 -4.48
N ALA B 56 -3.50 27.64 -4.11
CA ALA B 56 -4.28 28.56 -4.92
C ALA B 56 -3.57 29.94 -5.03
N ASN B 57 -3.21 30.52 -3.88
CA ASN B 57 -2.44 31.76 -3.83
C ASN B 57 -1.14 31.58 -4.57
N MET B 58 -0.49 30.44 -4.38
CA MET B 58 0.77 30.10 -5.05
C MET B 58 0.62 30.19 -6.57
N ILE B 59 -0.47 29.63 -7.09
CA ILE B 59 -0.84 29.73 -8.51
C ILE B 59 -1.15 31.17 -8.93
N ALA B 60 -1.91 31.89 -8.11
CA ALA B 60 -2.29 33.29 -8.39
C ALA B 60 -1.07 34.22 -8.60
N GLN B 61 -0.18 34.22 -7.61
CA GLN B 61 0.95 35.15 -7.55
C GLN B 61 1.98 34.86 -8.65
N LEU B 62 2.00 33.60 -9.05
CA LEU B 62 2.93 33.15 -10.09
C LEU B 62 2.43 33.50 -11.50
N ILE B 63 1.11 33.56 -11.67
CA ILE B 63 0.50 34.03 -12.92
C ILE B 63 0.75 35.53 -13.11
N GLU B 64 0.55 36.33 -12.10
CA GLU B 64 0.78 37.72 -12.16
C GLU B 64 2.20 38.10 -12.42
N HIS B 65 3.09 37.34 -11.83
CA HIS B 65 4.49 37.51 -12.01
C HIS B 65 4.96 37.22 -13.40
N ASP B 66 4.58 36.08 -13.91
CA ASP B 66 5.00 35.59 -15.21
C ASP B 66 4.40 36.32 -16.34
N THR B 67 3.16 36.70 -16.12
CA THR B 67 2.25 37.15 -17.15
C THR B 67 1.65 38.53 -16.93
N ASP B 68 0.82 38.90 -17.91
CA ASP B 68 0.10 40.14 -17.92
C ASP B 68 -1.29 39.98 -17.31
N LEU B 69 -1.67 38.74 -17.04
CA LEU B 69 -3.02 38.35 -16.58
C LEU B 69 -3.30 38.65 -15.11
N ASN B 70 -4.53 39.06 -14.83
CA ASN B 70 -5.01 39.23 -13.44
C ASN B 70 -5.68 37.97 -12.93
N THR B 71 -5.62 37.76 -11.61
CA THR B 71 -6.23 36.56 -11.00
C THR B 71 -7.22 36.91 -9.91
N ALA B 72 -8.19 36.03 -9.70
CA ALA B 72 -9.14 36.13 -8.59
C ALA B 72 -9.27 34.76 -7.93
N LEU B 73 -9.41 34.75 -6.60
CA LEU B 73 -9.63 33.51 -5.88
C LEU B 73 -11.12 33.28 -5.74
N VAL B 74 -11.53 32.02 -5.90
CA VAL B 74 -12.88 31.59 -5.58
C VAL B 74 -12.77 30.58 -4.42
N LYS B 75 -12.89 31.08 -3.21
CA LYS B 75 -12.59 30.28 -2.01
C LYS B 75 -13.79 29.48 -1.51
N ASN B 76 -13.56 28.62 -0.53
CA ASN B 76 -14.61 27.89 0.18
C ASN B 76 -15.50 26.97 -0.66
N LEU B 77 -14.91 26.40 -1.71
CA LEU B 77 -15.55 25.28 -2.42
C LEU B 77 -15.48 24.06 -1.49
N GLY B 78 -16.61 23.39 -1.27
CA GLY B 78 -16.70 22.35 -0.25
C GLY B 78 -15.87 21.09 -0.52
N SER B 79 -15.97 20.57 -1.75
CA SER B 79 -15.35 19.31 -2.13
C SER B 79 -14.96 19.28 -3.62
N ASN B 80 -14.31 18.20 -4.06
CA ASN B 80 -14.02 17.97 -5.49
C ASN B 80 -15.26 18.07 -6.36
N TYR B 81 -16.38 17.55 -5.87
CA TYR B 81 -17.61 17.54 -6.63
C TYR B 81 -18.13 18.94 -6.79
N VAL B 82 -17.99 19.75 -5.75
CA VAL B 82 -18.30 21.18 -5.84
C VAL B 82 -17.36 21.86 -6.85
N GLN B 83 -16.06 21.59 -6.73
CA GLN B 83 -15.06 22.12 -7.65
C GLN B 83 -15.35 21.74 -9.09
N HIS B 84 -15.85 20.53 -9.30
CA HIS B 84 -16.17 20.05 -10.63
C HIS B 84 -17.37 20.75 -11.24
N GLN B 85 -18.39 21.00 -10.42
CA GLN B 85 -19.59 21.72 -10.87
C GLN B 85 -19.23 23.17 -11.18
N ALA B 86 -18.38 23.76 -10.34
CA ALA B 86 -17.84 25.10 -10.59
C ALA B 86 -17.11 25.15 -11.92
N MET B 87 -16.19 24.22 -12.14
CA MET B 87 -15.49 24.17 -13.42
C MET B 87 -16.46 23.97 -14.58
N LEU B 88 -17.39 23.04 -14.45
CA LEU B 88 -18.37 22.79 -15.49
C LEU B 88 -19.21 24.03 -15.81
N GLY B 89 -19.60 24.76 -14.77
CA GLY B 89 -20.49 25.91 -14.97
C GLY B 89 -19.75 27.19 -15.33
N GLY B 90 -18.42 27.10 -15.41
CA GLY B 90 -17.58 28.24 -15.80
C GLY B 90 -17.16 29.12 -14.64
N ASP B 91 -17.63 28.75 -13.45
CA ASP B 91 -17.39 29.52 -12.22
C ASP B 91 -15.92 29.59 -11.78
N ILE B 92 -15.10 28.65 -12.24
CA ILE B 92 -13.65 28.67 -11.99
C ILE B 92 -12.91 28.19 -13.23
N ASP B 93 -11.76 28.79 -13.50
CA ASP B 93 -10.94 28.35 -14.62
C ASP B 93 -9.89 27.32 -14.21
N ILE B 94 -9.50 27.31 -12.92
CA ILE B 94 -8.46 26.41 -12.41
C ILE B 94 -8.84 25.85 -11.05
N SER B 95 -8.76 24.53 -10.93
CA SER B 95 -8.73 23.84 -9.65
C SER B 95 -7.26 23.73 -9.19
N ALA B 96 -6.95 24.32 -8.05
CA ALA B 96 -5.62 24.26 -7.47
C ALA B 96 -5.26 22.86 -6.95
N THR B 97 -6.24 22.22 -6.29
CA THR B 97 -6.02 20.92 -5.67
C THR B 97 -7.09 19.90 -6.04
N ARG B 98 -6.67 18.88 -6.77
CA ARG B 98 -7.52 17.72 -7.03
C ARG B 98 -6.71 16.46 -6.74
N TYR B 99 -7.38 15.38 -6.32
CA TYR B 99 -6.73 14.18 -5.77
C TYR B 99 -7.17 12.97 -6.54
N SER B 100 -6.22 12.23 -7.10
CA SER B 100 -6.50 11.16 -8.04
C SER B 100 -7.58 10.17 -7.56
N GLY B 101 -7.35 9.54 -6.40
CA GLY B 101 -8.33 8.65 -5.79
C GLY B 101 -9.72 9.24 -5.61
N THR B 102 -9.78 10.51 -5.22
CA THR B 102 -11.07 11.21 -4.99
C THR B 102 -11.95 11.35 -6.24
N ASP B 103 -11.38 11.97 -7.27
CA ASP B 103 -12.09 12.15 -8.53
C ASP B 103 -12.29 10.85 -9.32
N LEU B 104 -11.43 9.87 -9.14
CA LEU B 104 -11.65 8.58 -9.76
C LEU B 104 -12.86 7.85 -9.20
N THR B 105 -13.03 7.87 -7.89
CA THR B 105 -14.17 7.22 -7.25
C THR B 105 -15.49 7.93 -7.42
N SER B 106 -15.48 9.24 -7.47
CA SER B 106 -16.75 9.92 -7.46
C SER B 106 -17.11 10.63 -8.75
N THR B 107 -16.28 11.56 -9.15
CA THR B 107 -16.51 12.27 -10.35
C THR B 107 -16.49 11.33 -11.55
N LEU B 108 -15.62 10.33 -11.54
CA LEU B 108 -15.54 9.43 -12.67
C LEU B 108 -16.36 8.20 -12.46
N GLY B 109 -16.74 7.93 -11.22
CA GLY B 109 -17.56 6.78 -10.86
C GLY B 109 -16.90 5.43 -11.14
N LYS B 110 -15.58 5.40 -11.09
CA LYS B 110 -14.85 4.17 -11.32
C LYS B 110 -14.47 3.54 -10.00
N GLU B 111 -14.09 2.27 -10.04
CA GLU B 111 -13.60 1.60 -8.83
C GLU B 111 -12.26 2.17 -8.41
N ALA B 112 -11.94 2.06 -7.11
CA ALA B 112 -10.64 2.55 -6.60
C ALA B 112 -9.43 1.76 -7.14
N GLU B 113 -8.63 2.43 -7.99
CA GLU B 113 -7.40 1.82 -8.48
C GLU B 113 -6.34 2.05 -7.42
N LYS B 114 -5.55 1.02 -7.14
CA LYS B 114 -4.63 1.08 -6.00
C LYS B 114 -3.19 1.40 -6.39
N ASP B 115 -2.85 1.17 -7.66
CA ASP B 115 -1.54 1.54 -8.15
C ASP B 115 -1.52 3.03 -8.44
N PRO B 116 -0.54 3.76 -7.89
CA PRO B 116 -0.54 5.21 -8.08
C PRO B 116 -0.42 5.67 -9.53
N LYS B 117 0.49 5.04 -10.28
CA LYS B 117 0.70 5.35 -11.70
C LYS B 117 -0.55 5.08 -12.53
N LYS B 118 -1.15 3.92 -12.31
CA LYS B 118 -2.36 3.52 -13.01
C LYS B 118 -3.55 4.40 -12.65
N ALA B 119 -3.69 4.73 -11.35
CA ALA B 119 -4.78 5.60 -10.90
C ALA B 119 -4.72 6.94 -11.63
N LEU B 120 -3.51 7.47 -11.82
CA LEU B 120 -3.31 8.74 -12.49
C LEU B 120 -3.60 8.68 -14.01
N ASN B 121 -3.01 7.70 -14.69
CA ASN B 121 -3.25 7.52 -16.13
C ASN B 121 -4.73 7.46 -16.45
N ILE B 122 -5.51 6.83 -15.57
CA ILE B 122 -6.95 6.76 -15.77
C ILE B 122 -7.61 8.14 -15.63
N VAL B 123 -7.37 8.84 -14.52
CA VAL B 123 -8.01 10.16 -14.34
C VAL B 123 -7.55 11.16 -15.40
N GLN B 124 -6.27 11.10 -15.77
CA GLN B 124 -5.73 11.91 -16.86
C GLN B 124 -6.37 11.59 -18.21
N ASN B 125 -6.55 10.30 -18.52
CA ASN B 125 -7.16 9.91 -19.78
C ASN B 125 -8.64 10.23 -19.80
N GLU B 126 -9.30 10.05 -18.67
CA GLU B 126 -10.75 10.24 -18.60
C GLU B 126 -11.16 11.70 -18.55
N PHE B 127 -10.41 12.52 -17.81
CA PHE B 127 -10.64 13.96 -17.75
C PHE B 127 -10.42 14.59 -19.11
N GLN B 128 -9.49 14.05 -19.90
CA GLN B 128 -9.28 14.54 -21.26
C GLN B 128 -10.42 14.12 -22.19
N LYS B 129 -10.81 12.85 -22.13
CA LYS B 129 -11.86 12.30 -22.99
C LYS B 129 -13.27 12.78 -22.67
N ARG B 130 -13.61 12.82 -21.37
CA ARG B 130 -14.97 13.16 -20.94
C ARG B 130 -15.25 14.64 -20.92
N PHE B 131 -14.25 15.46 -20.60
CA PHE B 131 -14.51 16.88 -20.35
C PHE B 131 -13.63 17.83 -21.18
N SER B 132 -12.62 17.29 -21.85
CA SER B 132 -11.51 18.09 -22.43
C SER B 132 -10.82 18.94 -21.37
N TYR B 133 -10.69 18.38 -20.17
CA TYR B 133 -9.96 18.99 -19.08
C TYR B 133 -8.59 18.35 -18.96
N LYS B 134 -7.55 19.15 -18.79
CA LYS B 134 -6.22 18.61 -18.54
C LYS B 134 -6.03 18.42 -17.03
N TRP B 135 -5.87 17.16 -16.61
CA TRP B 135 -5.46 16.85 -15.25
C TRP B 135 -3.93 16.76 -15.31
N PHE B 136 -3.25 17.73 -14.72
CA PHE B 136 -1.79 17.77 -14.72
C PHE B 136 -1.09 16.62 -13.95
N ASP B 137 0.24 16.59 -14.02
CA ASP B 137 1.07 15.70 -13.21
C ASP B 137 1.15 16.25 -11.79
N SER B 138 1.36 15.36 -10.81
CA SER B 138 1.25 15.79 -9.42
C SER B 138 2.26 16.88 -9.08
N TYR B 139 1.91 17.71 -8.08
CA TYR B 139 2.87 18.65 -7.45
C TYR B 139 4.02 17.90 -6.79
N GLY B 140 3.80 16.62 -6.49
CA GLY B 140 4.76 15.78 -5.79
C GLY B 140 4.27 15.18 -4.47
N PHE B 141 3.11 15.64 -3.97
CA PHE B 141 2.59 15.12 -2.69
C PHE B 141 1.33 14.28 -2.83
N ASP B 142 1.17 13.30 -1.94
CA ASP B 142 -0.04 12.49 -1.79
C ASP B 142 -0.69 12.90 -0.47
N ASN B 143 -1.92 13.40 -0.53
CA ASN B 143 -2.69 13.70 0.66
C ASN B 143 -3.78 12.65 0.90
N THR B 144 -3.44 11.62 1.67
CA THR B 144 -4.37 10.50 1.90
C THR B 144 -5.14 10.51 3.23
N TYR B 145 -6.33 9.93 3.22
CA TYR B 145 -7.00 9.57 4.45
C TYR B 145 -6.02 8.68 5.21
N ALA B 146 -5.82 8.95 6.48
CA ALA B 146 -4.95 8.13 7.30
C ALA B 146 -5.54 7.96 8.67
N PHE B 147 -5.63 6.70 9.11
CA PHE B 147 -6.08 6.42 10.46
C PHE B 147 -5.00 6.92 11.37
N THR B 148 -5.36 7.83 12.25
CA THR B 148 -4.38 8.48 13.05
C THR B 148 -4.65 8.31 14.51
N VAL B 149 -3.59 8.10 15.26
CA VAL B 149 -3.73 7.90 16.68
C VAL B 149 -2.56 8.51 17.41
N THR B 150 -2.75 8.77 18.69
CA THR B 150 -1.65 9.21 19.51
C THR B 150 -0.66 8.06 19.75
N LYS B 151 0.62 8.40 19.88
CA LYS B 151 1.66 7.40 20.13
C LYS B 151 1.44 6.60 21.45
N LYS B 152 1.04 7.29 22.51
CA LYS B 152 0.67 6.66 23.79
C LYS B 152 -0.43 5.58 23.60
N PHE B 153 -1.50 5.95 22.89
CA PHE B 153 -2.55 5.02 22.55
C PHE B 153 -1.97 3.81 21.79
N ALA B 154 -1.21 4.07 20.72
CA ALA B 154 -0.63 3.01 19.87
C ALA B 154 0.25 2.02 20.63
N GLU B 155 1.21 2.55 21.39
CA GLU B 155 2.10 1.75 22.25
C GLU B 155 1.32 0.89 23.26
N LYS B 156 0.43 1.53 24.02
CA LYS B 156 -0.37 0.85 25.02
C LYS B 156 -1.34 -0.18 24.45
N GLU B 157 -2.01 0.17 23.35
CA GLU B 157 -3.01 -0.69 22.74
C GLU B 157 -2.44 -1.70 21.79
N HIS B 158 -1.17 -1.55 21.44
CA HIS B 158 -0.50 -2.45 20.51
C HIS B 158 -0.97 -2.38 19.07
N ILE B 159 -1.21 -1.18 18.59
CA ILE B 159 -1.70 -0.96 17.25
C ILE B 159 -0.64 -0.45 16.28
N ASN B 160 -0.31 -1.20 15.24
CA ASN B 160 0.58 -0.67 14.20
C ASN B 160 -0.06 -0.57 12.83
N THR B 161 -1.18 -1.27 12.66
CA THR B 161 -1.94 -1.29 11.44
C THR B 161 -3.39 -0.92 11.73
N VAL B 162 -4.17 -0.68 10.69
CA VAL B 162 -5.62 -0.49 10.80
C VAL B 162 -6.30 -1.76 11.33
N SER B 163 -5.84 -2.92 10.83
CA SER B 163 -6.39 -4.22 11.19
C SER B 163 -6.28 -4.50 12.66
N ASP B 164 -5.28 -3.91 13.32
CA ASP B 164 -5.07 -4.08 14.77
C ASP B 164 -6.20 -3.40 15.58
N LEU B 165 -7.03 -2.61 14.89
CA LEU B 165 -8.13 -1.95 15.56
C LEU B 165 -9.31 -2.91 15.71
N LYS B 166 -9.22 -4.06 15.05
CA LYS B 166 -10.38 -4.96 14.95
C LYS B 166 -10.85 -5.51 16.30
N LYS B 167 -9.88 -5.87 17.14
CA LYS B 167 -10.16 -6.54 18.40
C LYS B 167 -11.01 -5.65 19.35
N ASN B 168 -10.60 -4.39 19.54
CA ASN B 168 -11.31 -3.50 20.48
C ASN B 168 -12.19 -2.43 19.81
N ALA B 169 -12.40 -2.56 18.50
CA ALA B 169 -13.16 -1.57 17.71
C ALA B 169 -14.40 -1.02 18.42
N SER B 170 -15.14 -1.93 19.06
CA SER B 170 -16.42 -1.59 19.68
C SER B 170 -16.25 -0.67 20.88
N GLN B 171 -15.11 -0.80 21.58
CA GLN B 171 -14.78 0.10 22.68
C GLN B 171 -14.09 1.40 22.24
N TYR B 172 -14.18 1.73 20.95
CA TYR B 172 -13.52 2.93 20.41
C TYR B 172 -14.48 4.01 19.88
N LYS B 173 -14.03 5.27 19.95
CA LYS B 173 -14.69 6.42 19.34
C LYS B 173 -13.82 6.93 18.17
N LEU B 174 -14.42 7.04 16.96
CA LEU B 174 -13.69 7.51 15.76
C LEU B 174 -14.17 8.86 15.21
N GLY B 175 -13.23 9.74 14.89
CA GLY B 175 -13.55 11.01 14.23
C GLY B 175 -13.28 10.98 12.73
N VAL B 176 -14.24 11.48 11.96
CA VAL B 176 -14.12 11.52 10.48
C VAL B 176 -14.69 12.83 9.94
N ASP B 177 -14.44 13.13 8.67
CA ASP B 177 -15.10 14.28 8.03
C ASP B 177 -16.52 13.95 7.52
N ASN B 178 -17.29 15.01 7.24
CA ASN B 178 -18.64 14.89 6.68
C ASN B 178 -18.75 13.89 5.53
N ALA B 179 -18.07 14.18 4.42
CA ALA B 179 -18.27 13.41 3.18
C ALA B 179 -17.96 11.91 3.33
N TRP B 180 -16.82 11.58 3.94
CA TRP B 180 -16.30 10.20 3.92
C TRP B 180 -17.32 9.07 4.22
N LEU B 181 -18.15 9.28 5.24
CA LEU B 181 -19.17 8.28 5.60
C LEU B 181 -20.01 7.87 4.39
N LYS B 182 -20.42 8.87 3.61
CA LYS B 182 -21.37 8.67 2.53
C LYS B 182 -20.69 8.44 1.17
N ARG B 183 -19.38 8.28 1.14
CA ARG B 183 -18.65 8.12 -0.14
C ARG B 183 -18.74 6.71 -0.66
N LYS B 184 -18.87 6.59 -1.97
CA LYS B 184 -18.86 5.30 -2.65
C LYS B 184 -17.44 5.06 -3.19
N GLY B 185 -17.00 3.80 -3.14
CA GLY B 185 -15.67 3.42 -3.58
C GLY B 185 -14.68 3.52 -2.43
N ASP B 186 -14.42 4.75 -1.96
CA ASP B 186 -13.38 5.00 -0.98
C ASP B 186 -13.90 5.47 0.37
N GLY B 187 -15.15 5.17 0.64
CA GLY B 187 -15.80 5.64 1.85
C GLY B 187 -16.07 4.54 2.85
N TYR B 188 -16.83 4.89 3.89
CA TYR B 188 -17.11 4.02 5.02
C TYR B 188 -17.69 2.65 4.65
N LYS B 189 -18.67 2.65 3.75
CA LYS B 189 -19.25 1.38 3.29
C LYS B 189 -18.14 0.45 2.78
N GLY B 190 -17.24 1.02 1.99
CA GLY B 190 -16.11 0.29 1.39
C GLY B 190 -15.10 -0.19 2.41
N PHE B 191 -14.82 0.66 3.39
CA PHE B 191 -13.89 0.35 4.49
C PHE B 191 -14.34 -0.85 5.33
N VAL B 192 -15.60 -0.81 5.76
CA VAL B 192 -16.22 -1.89 6.56
C VAL B 192 -16.22 -3.20 5.77
N SER B 193 -16.67 -3.12 4.51
CA SER B 193 -16.55 -4.27 3.60
C SER B 193 -15.12 -4.90 3.52
N THR B 194 -14.07 -4.05 3.49
CA THR B 194 -12.67 -4.51 3.38
C THR B 194 -12.07 -4.97 4.70
N TYR B 195 -12.12 -4.10 5.72
CA TYR B 195 -11.48 -4.43 6.98
C TYR B 195 -12.25 -5.42 7.83
N GLY B 196 -13.57 -5.49 7.61
CA GLY B 196 -14.43 -6.52 8.20
C GLY B 196 -14.94 -6.21 9.60
N PHE B 197 -14.91 -4.92 9.97
CA PHE B 197 -15.38 -4.48 11.27
C PHE B 197 -15.84 -3.03 11.19
N GLU B 198 -16.57 -2.57 12.19
CA GLU B 198 -16.89 -1.14 12.28
C GLU B 198 -16.73 -0.57 13.68
N PHE B 199 -16.39 0.72 13.75
CA PHE B 199 -16.06 1.39 15.01
C PHE B 199 -17.27 1.52 15.93
N GLY B 200 -17.01 1.62 17.23
CA GLY B 200 -18.04 1.69 18.27
C GLY B 200 -19.10 2.72 17.94
N THR B 201 -18.68 3.98 17.94
CA THR B 201 -19.49 5.05 17.38
C THR B 201 -18.57 5.97 16.59
N THR B 202 -19.07 6.46 15.46
CA THR B 202 -18.30 7.37 14.60
C THR B 202 -18.88 8.79 14.67
N TYR B 203 -18.00 9.77 14.81
CA TYR B 203 -18.38 11.17 14.97
C TYR B 203 -17.93 11.99 13.76
N PRO B 204 -18.89 12.42 12.90
CA PRO B 204 -18.53 13.34 11.81
C PRO B 204 -18.21 14.73 12.36
N MET B 205 -17.19 15.34 11.78
CA MET B 205 -16.77 16.71 12.12
C MET B 205 -16.02 17.30 10.94
N GLN B 206 -15.78 18.61 10.96
CA GLN B 206 -14.95 19.22 9.92
C GLN B 206 -13.56 18.70 10.09
N ILE B 207 -12.87 18.47 8.97
CA ILE B 207 -11.54 17.87 9.01
C ILE B 207 -10.59 18.58 9.98
N GLY B 208 -10.61 19.92 10.01
CA GLY B 208 -9.71 20.69 10.88
C GLY B 208 -9.79 20.39 12.37
N LEU B 209 -10.92 19.83 12.80
CA LEU B 209 -11.16 19.54 14.21
C LEU B 209 -10.60 18.20 14.66
N VAL B 210 -10.31 17.30 13.70
CA VAL B 210 -9.93 15.94 14.05
C VAL B 210 -8.61 15.86 14.84
N TYR B 211 -7.70 16.80 14.58
CA TYR B 211 -6.34 16.76 15.18
C TYR B 211 -6.34 17.11 16.67
N ASP B 212 -6.95 18.22 17.06
CA ASP B 212 -7.08 18.50 18.49
C ASP B 212 -7.92 17.41 19.17
N ALA B 213 -8.87 16.84 18.44
CA ALA B 213 -9.77 15.81 18.97
C ALA B 213 -9.07 14.53 19.35
N VAL B 214 -8.18 14.06 18.47
CA VAL B 214 -7.39 12.86 18.72
C VAL B 214 -6.31 13.12 19.81
N LYS B 215 -5.68 14.29 19.72
CA LYS B 215 -4.67 14.68 20.67
C LYS B 215 -5.22 14.85 22.07
N ASN B 216 -6.35 15.54 22.21
CA ASN B 216 -6.86 15.87 23.51
C ASN B 216 -7.61 14.74 24.12
N GLY B 217 -7.56 13.58 23.49
CA GLY B 217 -8.11 12.36 24.06
C GLY B 217 -9.58 12.09 23.79
N LYS B 218 -10.24 13.02 23.11
CA LYS B 218 -11.68 12.94 22.83
C LYS B 218 -12.03 11.79 21.92
N MET B 219 -11.18 11.56 20.92
CA MET B 219 -11.36 10.45 19.97
C MET B 219 -10.25 9.43 20.11
N ASP B 220 -10.59 8.16 19.96
CA ASP B 220 -9.60 7.11 20.04
C ASP B 220 -8.78 7.07 18.77
N ALA B 221 -9.47 7.22 17.64
CA ALA B 221 -8.84 7.28 16.32
C ALA B 221 -9.55 8.33 15.48
N VAL B 222 -8.81 9.02 14.62
CA VAL B 222 -9.41 9.92 13.64
C VAL B 222 -8.99 9.55 12.23
N LEU B 223 -9.86 9.80 11.26
CA LEU B 223 -9.47 9.65 9.85
C LEU B 223 -9.03 11.01 9.28
N ALA B 224 -7.72 11.24 9.36
CA ALA B 224 -7.12 12.56 9.10
C ALA B 224 -6.43 12.64 7.73
N TYR B 225 -6.12 13.85 7.29
CA TYR B 225 -5.40 14.04 6.03
C TYR B 225 -3.88 14.02 6.29
N SER B 226 -3.17 13.17 5.56
CA SER B 226 -1.78 12.87 5.86
C SER B 226 -0.82 14.06 5.72
N THR B 227 -1.25 15.12 5.04
CA THR B 227 -0.37 16.28 4.84
C THR B 227 -0.64 17.44 5.78
N ASP B 228 -1.50 17.25 6.77
CA ASP B 228 -1.67 18.28 7.77
C ASP B 228 -0.47 18.24 8.71
N GLY B 229 0.15 19.40 8.89
CA GLY B 229 1.37 19.52 9.68
C GLY B 229 1.20 19.23 11.16
N ARG B 230 -0.05 19.15 11.63
CA ARG B 230 -0.33 18.91 13.05
C ARG B 230 -0.18 17.45 13.43
N ILE B 231 -0.14 16.56 12.43
CA ILE B 231 0.24 15.17 12.68
C ILE B 231 1.64 15.11 13.30
N LYS B 232 2.60 15.80 12.65
CA LYS B 232 3.99 15.92 13.14
C LYS B 232 4.05 16.75 14.42
N ALA B 233 3.41 17.93 14.39
CA ALA B 233 3.38 18.85 15.52
C ALA B 233 2.80 18.20 16.78
N TYR B 234 1.86 17.28 16.61
CA TYR B 234 1.18 16.65 17.74
C TYR B 234 1.76 15.30 18.15
N ASP B 235 2.88 14.90 17.52
CA ASP B 235 3.53 13.62 17.76
C ASP B 235 2.52 12.47 17.71
N LEU B 236 1.78 12.40 16.61
CA LEU B 236 0.77 11.37 16.40
C LEU B 236 1.32 10.30 15.46
N LYS B 237 0.54 9.24 15.27
CA LYS B 237 0.98 8.07 14.50
C LYS B 237 -0.03 7.64 13.44
N ILE B 238 0.39 7.73 12.18
CA ILE B 238 -0.37 7.18 11.07
C ILE B 238 -0.30 5.64 11.11
N LEU B 239 -1.47 5.00 11.10
CA LEU B 239 -1.56 3.54 11.09
C LEU B 239 -1.50 3.00 9.67
N LYS B 240 -0.81 1.87 9.51
CA LYS B 240 -0.63 1.24 8.22
C LYS B 240 -1.96 0.69 7.68
N ASP B 241 -2.26 1.10 6.44
CA ASP B 241 -3.39 0.58 5.68
C ASP B 241 -2.92 -0.75 5.06
N ASP B 242 -2.92 -1.79 5.89
CA ASP B 242 -2.28 -3.08 5.56
C ASP B 242 -2.99 -3.84 4.46
N LYS B 243 -4.29 -3.59 4.32
CA LYS B 243 -5.08 -4.19 3.23
C LYS B 243 -5.19 -3.28 2.00
N ARG B 244 -4.44 -2.18 2.01
CA ARG B 244 -4.42 -1.23 0.91
C ARG B 244 -5.84 -0.85 0.50
N PHE B 245 -6.65 -0.47 1.49
CA PHE B 245 -8.03 -0.14 1.20
C PHE B 245 -8.12 1.15 0.39
N PHE B 246 -7.38 2.16 0.85
CA PHE B 246 -7.46 3.49 0.25
C PHE B 246 -6.69 3.53 -1.05
N PRO B 247 -7.20 4.29 -1.99
CA PRO B 247 -6.53 4.59 -3.22
C PRO B 247 -5.51 5.68 -3.06
N PRO B 248 -4.78 5.90 -4.10
CA PRO B 248 -3.83 6.96 -4.16
C PRO B 248 -4.46 8.32 -4.20
N TYR B 249 -3.88 9.25 -3.50
CA TYR B 249 -4.37 10.59 -3.45
C TYR B 249 -3.33 11.64 -3.87
N ASP B 250 -2.64 11.40 -4.95
CA ASP B 250 -1.73 12.37 -5.50
C ASP B 250 -2.43 13.59 -6.00
N CYS B 251 -1.91 14.75 -5.67
CA CYS B 251 -2.56 16.04 -5.87
C CYS B 251 -2.03 16.81 -7.08
N SER B 252 -2.95 17.25 -7.93
CA SER B 252 -2.62 17.94 -9.18
C SER B 252 -3.61 19.07 -9.41
N PRO B 253 -3.25 20.00 -10.33
CA PRO B 253 -4.19 21.02 -10.75
C PRO B 253 -4.94 20.59 -11.99
N VAL B 254 -6.18 21.05 -12.12
CA VAL B 254 -7.00 20.71 -13.30
C VAL B 254 -7.43 21.98 -14.03
N ILE B 255 -7.24 22.00 -15.36
CA ILE B 255 -7.55 23.18 -16.15
C ILE B 255 -8.14 22.73 -17.48
N PRO B 256 -9.25 23.38 -17.92
CA PRO B 256 -9.84 23.04 -19.21
C PRO B 256 -8.89 23.36 -20.35
N GLU B 257 -8.80 22.47 -21.33
CA GLU B 257 -7.99 22.72 -22.53
C GLU B 257 -8.40 24.03 -23.22
N LYS B 258 -9.68 24.40 -23.11
CA LYS B 258 -10.24 25.64 -23.65
C LYS B 258 -9.56 26.88 -23.05
N VAL B 259 -9.40 26.88 -21.72
CA VAL B 259 -8.72 27.96 -21.00
C VAL B 259 -7.22 28.03 -21.37
N LEU B 260 -6.59 26.88 -21.53
CA LEU B 260 -5.17 26.82 -21.89
C LEU B 260 -4.90 27.30 -23.33
N LYS B 261 -5.82 27.03 -24.21
CA LYS B 261 -5.77 27.43 -25.58
C LYS B 261 -5.89 28.90 -25.78
N GLU B 262 -6.83 29.47 -25.06
CA GLU B 262 -7.08 30.88 -25.03
C GLU B 262 -5.95 31.68 -24.43
N HIS B 263 -5.22 31.05 -23.54
CA HIS B 263 -4.14 31.67 -22.86
C HIS B 263 -2.92 30.82 -22.84
N PRO B 264 -2.24 30.70 -23.96
CA PRO B 264 -1.22 29.65 -24.09
C PRO B 264 -0.15 29.71 -23.01
N GLU B 265 0.22 30.91 -22.60
CA GLU B 265 1.29 31.08 -21.67
C GLU B 265 1.06 30.48 -20.27
N LEU B 266 -0.20 30.16 -19.95
CA LEU B 266 -0.65 29.63 -18.68
C LEU B 266 -0.07 28.31 -18.36
N GLU B 267 0.07 27.43 -19.33
CA GLU B 267 0.61 26.14 -19.06
C GLU B 267 2.03 26.07 -18.59
N GLY B 268 2.93 26.80 -19.23
CA GLY B 268 4.32 27.02 -18.81
C GLY B 268 4.42 27.48 -17.38
N VAL B 269 3.56 28.41 -16.99
CA VAL B 269 3.47 28.88 -15.60
C VAL B 269 3.16 27.73 -14.65
N ILE B 270 2.22 26.84 -15.04
CA ILE B 270 1.84 25.72 -14.18
C ILE B 270 2.89 24.61 -14.11
N ASN B 271 3.60 24.37 -15.22
CA ASN B 271 4.62 23.32 -15.25
C ASN B 271 5.76 23.58 -14.27
N LYS B 272 5.85 24.85 -13.84
CA LYS B 272 6.84 25.32 -12.87
C LYS B 272 6.63 24.72 -11.48
N LEU B 273 5.37 24.46 -11.14
CA LEU B 273 4.99 23.89 -9.84
C LEU B 273 4.86 22.39 -9.84
N ILE B 274 4.89 21.77 -11.01
CA ILE B 274 4.77 20.31 -11.11
C ILE B 274 6.01 19.64 -10.55
N GLY B 275 5.82 18.72 -9.62
CA GLY B 275 6.93 17.95 -9.06
C GLY B 275 7.81 18.75 -8.12
N GLN B 276 7.34 19.91 -7.68
CA GLN B 276 8.12 20.75 -6.77
C GLN B 276 7.81 20.63 -5.29
N ILE B 277 6.61 20.16 -4.96
CA ILE B 277 6.17 20.07 -3.55
C ILE B 277 5.96 18.63 -3.07
N ASP B 278 6.91 18.12 -2.29
CA ASP B 278 6.73 16.80 -1.70
C ASP B 278 5.86 16.86 -0.43
N THR B 279 5.44 15.70 0.08
CA THR B 279 4.56 15.62 1.25
C THR B 279 5.15 16.42 2.42
N GLU B 280 6.45 16.25 2.62
CA GLU B 280 7.15 16.80 3.78
C GLU B 280 7.07 18.34 3.77
N THR B 281 7.19 18.91 2.58
CA THR B 281 7.07 20.34 2.36
C THR B 281 5.62 20.81 2.53
N MET B 282 4.68 20.02 2.04
CA MET B 282 3.28 20.40 2.07
C MET B 282 2.80 20.47 3.52
N GLN B 283 3.37 19.60 4.38
CA GLN B 283 3.10 19.62 5.83
C GLN B 283 3.69 20.86 6.48
N GLU B 284 4.86 21.27 5.98
CA GLU B 284 5.53 22.49 6.42
C GLU B 284 4.70 23.70 6.09
N LEU B 285 4.26 23.79 4.85
CA LEU B 285 3.49 24.93 4.39
C LEU B 285 2.17 24.95 5.14
N ASN B 286 1.49 23.80 5.22
CA ASN B 286 0.21 23.70 5.91
C ASN B 286 0.29 24.18 7.36
N TYR B 287 1.32 23.73 8.07
CA TYR B 287 1.50 24.09 9.48
C TYR B 287 1.74 25.58 9.71
N GLU B 288 2.36 26.25 8.72
CA GLU B 288 2.58 27.69 8.78
C GLU B 288 1.29 28.44 8.97
N VAL B 289 0.26 28.03 8.24
CA VAL B 289 -1.06 28.59 8.44
C VAL B 289 -1.76 28.03 9.69
N ASP B 290 -1.73 26.72 9.84
CA ASP B 290 -2.47 26.08 10.88
C ASP B 290 -1.93 26.26 12.28
N GLY B 291 -0.62 26.21 12.44
CA GLY B 291 -0.04 26.33 13.74
C GLY B 291 0.41 27.72 14.04
N LYS B 292 1.04 28.29 13.07
CA LYS B 292 1.65 29.58 13.16
C LYS B 292 0.77 30.74 12.85
N LEU B 293 -0.43 30.45 12.39
CA LEU B 293 -1.44 31.46 12.20
C LEU B 293 -1.12 32.44 11.16
N LYS B 294 -0.35 32.05 10.19
CA LYS B 294 -0.07 32.89 9.07
C LYS B 294 -1.13 32.87 8.02
N GLU B 295 -1.15 33.89 7.18
CA GLU B 295 -2.08 33.97 6.05
C GLU B 295 -1.56 33.10 4.89
N PRO B 296 -2.47 32.37 4.21
CA PRO B 296 -2.09 31.48 3.10
C PRO B 296 -1.39 32.25 1.97
N SER B 297 -1.80 33.49 1.74
CA SER B 297 -1.15 34.37 0.76
C SER B 297 0.33 34.63 1.07
N VAL B 298 0.60 34.96 2.33
CA VAL B 298 1.95 35.20 2.81
C VAL B 298 2.78 33.94 2.68
N VAL B 299 2.24 32.83 3.17
CA VAL B 299 2.88 31.52 3.13
C VAL B 299 3.25 31.09 1.70
N ALA B 300 2.39 31.44 0.73
CA ALA B 300 2.66 31.17 -0.68
C ALA B 300 3.80 32.04 -1.24
N LYS B 301 3.81 33.32 -0.84
CA LYS B 301 4.83 34.25 -1.29
C LYS B 301 6.21 33.84 -0.75
N GLU B 302 6.29 33.52 0.54
CA GLU B 302 7.56 33.14 1.16
C GLU B 302 8.15 31.92 0.51
N PHE B 303 7.30 30.96 0.17
CA PHE B 303 7.73 29.76 -0.54
C PHE B 303 8.32 30.13 -1.91
N LEU B 304 7.54 30.86 -2.71
CA LEU B 304 7.97 31.28 -4.04
C LEU B 304 9.24 32.13 -4.01
N GLU B 305 9.37 32.94 -2.97
CA GLU B 305 10.60 33.69 -2.72
C GLU B 305 11.81 32.77 -2.51
N LYS B 306 11.59 31.63 -1.85
CA LYS B 306 12.68 30.69 -1.57
C LYS B 306 13.17 30.07 -2.87
N HIS B 307 12.25 29.91 -3.81
CA HIS B 307 12.54 29.19 -5.03
C HIS B 307 12.68 30.10 -6.22
N HIS B 308 12.78 31.39 -5.91
CA HIS B 308 13.04 32.43 -6.89
C HIS B 308 12.02 32.36 -8.02
N TYR B 309 10.81 31.94 -7.68
CA TYR B 309 9.71 31.89 -8.62
C TYR B 309 9.94 30.86 -9.70
N PHE B 310 10.91 30.00 -9.47
CA PHE B 310 11.40 29.03 -10.46
C PHE B 310 11.80 29.74 -11.75
N ASP B 311 12.26 31.00 -11.63
CA ASP B 311 12.51 31.98 -12.73
C ASP B 311 11.26 32.69 -13.26
#